data_1KA8
#
_entry.id   1KA8
#
_cell.length_a   82.549
_cell.length_b   82.549
_cell.length_c   232.629
_cell.angle_alpha   90.00
_cell.angle_beta   90.00
_cell.angle_gamma   120.00
#
_symmetry.space_group_name_H-M   'P 31 2 1'
#
loop_
_entity.id
_entity.type
_entity.pdbx_description
1 polymer 'putative P4-specific DNA primase'
2 water water
#
_entity_poly.entity_id   1
_entity_poly.type   'polypeptide(L)'
_entity_poly.pdbx_seq_one_letter_code
;DADPTFDFIGYLETLPQTSGMYMGNASIIPRNYRKYLYHAYLAYMEANGYRNVLSLKMFGLGLPVMLKEYGLNYEKRHTK
QGIQTNLTLKEESYGDWLPK
;
_entity_poly.pdbx_strand_id   A,B,C,D,E,F
#
# COMPACT_ATOMS: atom_id res chain seq x y z
N ASP A 1 28.32 9.33 11.47
CA ASP A 1 27.41 10.50 11.44
C ASP A 1 26.10 10.17 12.15
N ALA A 2 25.13 11.07 12.00
CA ALA A 2 23.81 10.91 12.58
C ALA A 2 22.74 10.94 11.48
N ASP A 3 23.11 11.44 10.29
CA ASP A 3 22.14 11.50 9.20
C ASP A 3 21.06 12.51 9.60
N PRO A 4 21.43 13.79 9.70
CA PRO A 4 20.51 14.84 10.08
C PRO A 4 19.27 14.95 9.20
N THR A 5 19.43 14.84 7.90
CA THR A 5 18.28 14.90 7.02
C THR A 5 17.21 13.93 7.51
N PHE A 6 17.63 12.74 7.89
CA PHE A 6 16.70 11.73 8.39
C PHE A 6 16.01 12.15 9.69
N ASP A 7 16.79 12.71 10.61
CA ASP A 7 16.23 13.17 11.89
C ASP A 7 15.17 14.23 11.66
N PHE A 8 15.48 15.17 10.76
CA PHE A 8 14.55 16.23 10.42
C PHE A 8 13.22 15.60 10.03
N ILE A 9 13.27 14.63 9.12
CA ILE A 9 12.06 13.97 8.65
C ILE A 9 11.29 13.34 9.82
N GLY A 10 11.95 13.28 10.97
CA GLY A 10 11.33 12.72 12.15
C GLY A 10 10.33 13.69 12.77
N TYR A 11 10.47 14.97 12.43
CA TYR A 11 9.59 16.01 12.93
C TYR A 11 8.44 16.23 11.95
N LEU A 12 8.18 15.28 11.07
CA LEU A 12 7.11 15.48 10.11
C LEU A 12 5.93 14.54 10.26
N GLU A 13 4.73 15.04 9.98
CA GLU A 13 3.48 14.28 10.04
C GLU A 13 2.74 14.43 8.74
N THR A 14 1.98 13.40 8.40
CA THR A 14 1.18 13.41 7.17
C THR A 14 -0.26 13.91 7.40
N LEU A 15 -0.84 14.51 6.37
CA LEU A 15 -2.21 15.03 6.39
C LEU A 15 -3.13 14.15 5.55
N PRO A 16 -4.43 14.10 5.91
CA PRO A 16 -5.43 13.30 5.21
C PRO A 16 -5.46 13.61 3.72
N GLN A 17 -4.97 14.78 3.36
CA GLN A 17 -4.94 15.22 1.97
C GLN A 17 -3.78 16.17 1.66
N THR A 18 -3.44 16.19 0.38
CA THR A 18 -2.36 17.01 -0.09
C THR A 18 -2.65 18.51 0.09
N SER A 19 -2.59 18.97 1.34
CA SER A 19 -2.82 20.38 1.63
C SER A 19 -1.88 20.93 2.70
N GLY A 20 -0.78 20.24 2.96
CA GLY A 20 0.15 20.73 3.96
C GLY A 20 1.18 21.71 3.41
N MET A 21 2.42 21.59 3.91
CA MET A 21 3.52 22.45 3.49
C MET A 21 3.84 22.43 2.00
N TYR A 22 4.48 23.50 1.56
CA TYR A 22 4.90 23.60 0.17
C TYR A 22 6.41 23.24 0.08
N MET A 23 6.80 22.55 -0.98
CA MET A 23 8.20 22.21 -1.15
C MET A 23 8.87 23.47 -1.69
N GLY A 24 9.12 24.47 -0.86
CA GLY A 24 9.73 25.69 -1.39
C GLY A 24 11.00 25.48 -2.21
N ASN A 25 11.91 26.44 -2.15
CA ASN A 25 13.17 26.28 -2.86
C ASN A 25 14.09 27.39 -2.38
N ALA A 26 15.36 27.25 -2.70
CA ALA A 26 16.35 28.20 -2.23
C ALA A 26 16.14 29.65 -2.63
N SER A 27 15.50 29.87 -3.77
CA SER A 27 15.29 31.23 -4.26
C SER A 27 14.32 32.08 -3.45
N ILE A 28 13.20 31.51 -2.99
CA ILE A 28 12.22 32.23 -2.18
C ILE A 28 12.94 32.90 -1.02
N ILE A 29 13.19 34.21 -1.12
CA ILE A 29 13.96 34.86 -0.07
C ILE A 29 13.39 34.93 1.31
N PRO A 30 12.75 36.07 1.72
CA PRO A 30 12.27 36.01 3.11
C PRO A 30 11.84 34.57 3.36
N ARG A 31 12.69 33.82 4.08
CA ARG A 31 12.38 32.42 4.32
C ARG A 31 11.09 32.33 5.10
N ASN A 32 10.41 31.20 4.95
CA ASN A 32 9.16 30.96 5.64
C ASN A 32 9.25 29.51 6.10
N TYR A 33 9.77 29.34 7.31
CA TYR A 33 9.96 28.02 7.85
C TYR A 33 8.69 27.23 8.07
N ARG A 34 7.57 27.91 8.23
CA ARG A 34 6.33 27.18 8.48
C ARG A 34 5.62 26.82 7.19
N LYS A 35 5.82 27.61 6.14
CA LYS A 35 5.17 27.36 4.87
C LYS A 35 5.95 26.46 3.91
N TYR A 36 7.27 26.64 3.83
CA TYR A 36 8.05 25.82 2.91
C TYR A 36 8.87 24.74 3.58
N LEU A 37 8.63 23.51 3.14
CA LEU A 37 9.29 22.35 3.69
C LEU A 37 10.81 22.48 3.59
N TYR A 38 11.28 22.89 2.42
CA TYR A 38 12.71 23.06 2.24
C TYR A 38 13.28 24.10 3.20
N HIS A 39 12.53 25.19 3.44
CA HIS A 39 13.01 26.23 4.35
C HIS A 39 13.05 25.67 5.75
N ALA A 40 12.04 24.87 6.08
CA ALA A 40 11.98 24.27 7.40
C ALA A 40 13.25 23.43 7.54
N TYR A 41 13.57 22.70 6.48
CA TYR A 41 14.76 21.87 6.47
C TYR A 41 16.05 22.65 6.77
N LEU A 42 16.26 23.74 6.05
CA LEU A 42 17.43 24.57 6.28
C LEU A 42 17.47 25.00 7.74
N ALA A 43 16.33 25.44 8.25
CA ALA A 43 16.26 25.90 9.64
C ALA A 43 16.76 24.83 10.61
N TYR A 44 16.33 23.60 10.39
CA TYR A 44 16.73 22.48 11.25
C TYR A 44 18.23 22.22 11.19
N MET A 45 18.74 21.95 9.98
CA MET A 45 20.18 21.69 9.79
C MET A 45 20.95 22.80 10.49
N GLU A 46 20.65 24.03 10.16
CA GLU A 46 21.33 25.16 10.75
C GLU A 46 21.22 25.13 12.28
N ALA A 47 20.04 24.84 12.78
CA ALA A 47 19.82 24.77 14.23
C ALA A 47 20.70 23.69 14.84
N ASN A 48 21.03 22.68 14.04
CA ASN A 48 21.85 21.60 14.57
C ASN A 48 23.31 21.63 14.14
N GLY A 49 23.77 22.80 13.71
CA GLY A 49 25.15 22.98 13.34
C GLY A 49 25.68 22.35 12.07
N TYR A 50 24.87 22.29 11.01
CA TYR A 50 25.35 21.75 9.76
C TYR A 50 25.35 22.87 8.74
N ARG A 51 26.50 23.13 8.13
CA ARG A 51 26.61 24.18 7.11
C ARG A 51 26.32 23.52 5.75
N ASN A 52 26.57 22.22 5.69
CA ASN A 52 26.36 21.41 4.49
C ASN A 52 24.93 20.83 4.42
N VAL A 53 24.11 21.32 3.50
CA VAL A 53 22.74 20.82 3.40
C VAL A 53 22.40 20.23 2.03
N LEU A 54 21.52 19.24 1.99
CA LEU A 54 21.15 18.68 0.71
C LEU A 54 20.48 19.74 -0.17
N SER A 55 20.70 19.63 -1.46
CA SER A 55 20.11 20.58 -2.40
C SER A 55 18.62 20.30 -2.45
N LEU A 56 17.87 21.21 -3.04
CA LEU A 56 16.44 21.01 -3.18
C LEU A 56 16.26 19.71 -3.95
N LYS A 57 16.98 19.56 -5.04
CA LYS A 57 16.87 18.37 -5.87
C LYS A 57 17.13 17.09 -5.09
N MET A 58 18.23 17.08 -4.33
CA MET A 58 18.61 15.91 -3.56
C MET A 58 17.61 15.68 -2.45
N PHE A 59 17.25 16.75 -1.76
CA PHE A 59 16.28 16.68 -0.68
C PHE A 59 15.01 16.06 -1.24
N GLY A 60 14.57 16.59 -2.37
CA GLY A 60 13.36 16.09 -2.99
C GLY A 60 13.37 14.59 -3.15
N LEU A 61 14.42 14.07 -3.75
CA LEU A 61 14.59 12.62 -3.98
C LEU A 61 14.50 11.80 -2.71
N GLY A 62 15.22 12.25 -1.70
CA GLY A 62 15.27 11.52 -0.44
C GLY A 62 13.97 11.50 0.30
N LEU A 63 13.28 12.65 0.32
CA LEU A 63 12.00 12.81 1.02
C LEU A 63 11.12 11.55 1.00
N PRO A 64 10.60 11.15 -0.18
CA PRO A 64 9.75 9.97 -0.30
C PRO A 64 10.30 8.75 0.42
N VAL A 65 11.58 8.50 0.21
CA VAL A 65 12.27 7.37 0.80
C VAL A 65 12.27 7.40 2.33
N MET A 66 12.87 8.45 2.89
CA MET A 66 12.95 8.58 4.34
C MET A 66 11.59 8.57 5.03
N LEU A 67 10.58 9.11 4.36
CA LEU A 67 9.22 9.12 4.91
C LEU A 67 8.75 7.67 5.04
N LYS A 68 8.96 6.90 3.97
CA LYS A 68 8.57 5.49 3.96
C LYS A 68 9.26 4.79 5.12
N GLU A 69 10.52 5.17 5.36
CA GLU A 69 11.30 4.59 6.43
C GLU A 69 10.62 4.84 7.78
N TYR A 70 9.94 5.98 7.88
CA TYR A 70 9.22 6.31 9.10
C TYR A 70 7.80 5.76 9.03
N GLY A 71 7.49 5.08 7.93
CA GLY A 71 6.17 4.51 7.76
C GLY A 71 5.09 5.50 7.38
N LEU A 72 5.46 6.55 6.66
CA LEU A 72 4.49 7.55 6.23
C LEU A 72 4.35 7.57 4.72
N ASN A 73 3.20 8.03 4.25
CA ASN A 73 2.90 8.11 2.82
C ASN A 73 3.04 9.52 2.23
N TYR A 74 4.14 9.77 1.53
CA TYR A 74 4.34 11.08 0.93
C TYR A 74 3.32 11.32 -0.17
N GLU A 75 2.87 12.57 -0.29
CA GLU A 75 1.88 12.97 -1.28
C GLU A 75 2.13 14.39 -1.75
N LYS A 76 2.40 14.57 -3.03
CA LYS A 76 2.65 15.91 -3.55
C LYS A 76 1.51 16.26 -4.49
N ARG A 77 1.44 17.52 -4.92
CA ARG A 77 0.41 18.00 -5.84
C ARG A 77 0.84 19.33 -6.45
N HIS A 78 0.78 19.44 -7.77
CA HIS A 78 1.18 20.68 -8.45
C HIS A 78 0.10 21.75 -8.30
N THR A 79 0.52 22.98 -8.05
CA THR A 79 -0.42 24.06 -7.76
C THR A 79 -0.02 25.39 -8.36
N LYS A 80 -0.92 26.35 -8.26
CA LYS A 80 -0.69 27.70 -8.71
C LYS A 80 0.56 28.23 -7.99
N GLN A 81 0.66 27.96 -6.69
CA GLN A 81 1.82 28.44 -5.94
C GLN A 81 3.00 27.47 -5.88
N GLY A 82 2.93 26.35 -6.61
CA GLY A 82 4.03 25.39 -6.62
C GLY A 82 3.63 23.99 -6.20
N ILE A 83 4.58 23.17 -5.76
CA ILE A 83 4.23 21.82 -5.34
C ILE A 83 3.88 21.83 -3.86
N GLN A 84 2.70 21.31 -3.55
CA GLN A 84 2.26 21.26 -2.17
C GLN A 84 2.21 19.82 -1.70
N THR A 85 2.66 19.61 -0.47
CA THR A 85 2.70 18.26 0.09
C THR A 85 1.55 18.02 1.06
N ASN A 86 1.56 16.85 1.69
CA ASN A 86 0.53 16.52 2.65
C ASN A 86 1.27 16.40 3.97
N LEU A 87 2.22 17.29 4.21
CA LEU A 87 3.00 17.20 5.44
C LEU A 87 2.97 18.45 6.30
N THR A 88 3.12 18.25 7.60
CA THR A 88 3.17 19.37 8.55
C THR A 88 4.15 19.04 9.66
N LEU A 89 4.62 20.08 10.34
CA LEU A 89 5.57 19.86 11.43
C LEU A 89 4.89 19.41 12.70
N LYS A 90 5.45 18.38 13.33
CA LYS A 90 4.93 17.90 14.60
C LYS A 90 5.12 19.05 15.58
N GLU A 91 4.44 19.01 16.72
CA GLU A 91 4.52 20.09 17.72
C GLU A 91 5.92 20.24 18.34
N GLU A 92 6.64 19.15 18.59
CA GLU A 92 7.96 19.24 19.20
C GLU A 92 8.89 20.12 18.37
N SER A 93 8.60 20.25 17.09
CA SER A 93 9.45 21.07 16.25
C SER A 93 9.48 22.50 16.78
N TYR A 94 8.32 22.99 17.21
CA TYR A 94 8.21 24.35 17.71
C TYR A 94 9.15 24.70 18.88
N GLY A 95 9.33 23.78 19.82
CA GLY A 95 10.21 24.08 20.93
C GLY A 95 11.66 23.72 20.66
N ASP A 96 11.85 22.67 19.85
CA ASP A 96 13.19 22.19 19.51
C ASP A 96 14.05 23.09 18.62
N TRP A 97 13.59 23.39 17.42
CA TRP A 97 14.41 24.17 16.53
C TRP A 97 13.72 25.26 15.72
N LEU A 98 12.42 25.13 15.48
CA LEU A 98 11.69 26.13 14.70
C LEU A 98 12.02 27.54 15.22
N PRO A 99 12.50 28.45 14.34
CA PRO A 99 12.82 29.79 14.83
C PRO A 99 11.60 30.47 15.45
N LYS A 100 11.82 31.25 16.50
CA LYS A 100 10.76 31.98 17.20
C LYS A 100 10.57 33.39 16.62
N ASP B 1 13.59 6.44 15.50
CA ASP B 1 13.91 5.34 14.54
C ASP B 1 15.43 5.03 14.54
N ALA B 2 15.83 3.98 13.82
CA ALA B 2 17.24 3.56 13.75
C ALA B 2 17.93 3.98 12.45
N ASP B 3 17.22 3.84 11.34
CA ASP B 3 17.72 4.18 10.00
C ASP B 3 18.98 3.38 9.58
N PRO B 4 18.83 2.05 9.52
CA PRO B 4 19.88 1.10 9.16
C PRO B 4 20.38 1.29 7.73
N THR B 5 19.49 1.62 6.81
CA THR B 5 19.94 1.80 5.45
C THR B 5 21.07 2.81 5.41
N PHE B 6 20.95 3.86 6.20
CA PHE B 6 22.00 4.87 6.23
C PHE B 6 23.30 4.26 6.74
N ASP B 7 23.20 3.50 7.82
CA ASP B 7 24.35 2.82 8.41
C ASP B 7 25.09 1.97 7.38
N PHE B 8 24.34 1.14 6.65
CA PHE B 8 24.91 0.30 5.62
C PHE B 8 25.72 1.15 4.63
N ILE B 9 25.16 2.26 4.19
CA ILE B 9 25.84 3.17 3.25
C ILE B 9 27.17 3.61 3.86
N GLY B 10 27.31 3.45 5.17
CA GLY B 10 28.55 3.82 5.83
C GLY B 10 29.68 2.84 5.52
N TYR B 11 29.31 1.64 5.06
CA TYR B 11 30.26 0.61 4.69
C TYR B 11 30.64 0.67 3.22
N LEU B 12 30.35 1.77 2.56
CA LEU B 12 30.64 1.91 1.15
C LEU B 12 31.72 2.92 0.81
N GLU B 13 32.48 2.61 -0.24
CA GLU B 13 33.57 3.46 -0.75
C GLU B 13 33.35 3.67 -2.23
N THR B 14 33.78 4.84 -2.70
CA THR B 14 33.65 5.16 -4.11
C THR B 14 34.95 4.85 -4.89
N LEU B 15 34.78 4.49 -6.15
CA LEU B 15 35.92 4.16 -7.00
C LEU B 15 36.13 5.27 -8.00
N PRO B 16 37.38 5.43 -8.46
CA PRO B 16 37.75 6.45 -9.43
C PRO B 16 36.89 6.35 -10.69
N GLN B 17 36.25 5.20 -10.88
CA GLN B 17 35.41 5.00 -12.05
C GLN B 17 34.32 3.99 -11.82
N THR B 18 33.30 4.09 -12.65
CA THR B 18 32.14 3.23 -12.57
C THR B 18 32.47 1.75 -12.81
N SER B 19 33.23 1.16 -11.91
CA SER B 19 33.60 -0.24 -12.09
C SER B 19 33.44 -1.07 -10.85
N GLY B 20 32.63 -0.59 -9.91
CA GLY B 20 32.42 -1.32 -8.68
C GLY B 20 31.29 -2.32 -8.76
N MET B 21 30.55 -2.41 -7.67
CA MET B 21 29.42 -3.35 -7.57
C MET B 21 28.28 -3.07 -8.52
N TYR B 22 27.48 -4.09 -8.74
CA TYR B 22 26.32 -4.00 -9.60
C TYR B 22 25.08 -3.80 -8.72
N MET B 23 24.15 -2.99 -9.17
CA MET B 23 22.94 -2.78 -8.40
C MET B 23 22.04 -3.95 -8.71
N GLY B 24 22.29 -5.14 -8.17
CA GLY B 24 21.45 -6.26 -8.50
C GLY B 24 19.95 -6.02 -8.32
N ASN B 25 19.21 -7.08 -7.98
CA ASN B 25 17.78 -6.97 -7.74
C ASN B 25 17.31 -8.19 -6.95
N ALA B 26 16.10 -8.14 -6.41
CA ALA B 26 15.59 -9.25 -5.61
C ALA B 26 15.37 -10.56 -6.39
N SER B 27 15.26 -10.47 -7.70
CA SER B 27 15.03 -11.63 -8.54
C SER B 27 16.23 -12.55 -8.66
N ILE B 28 17.41 -11.96 -8.86
CA ILE B 28 18.66 -12.72 -8.98
C ILE B 28 18.74 -13.62 -7.76
N ILE B 29 18.57 -14.92 -8.01
CA ILE B 29 18.56 -15.89 -6.93
C ILE B 29 19.86 -16.20 -6.15
N PRO B 30 20.57 -17.36 -6.36
CA PRO B 30 21.74 -17.39 -5.47
C PRO B 30 22.33 -16.00 -5.31
N ARG B 31 22.14 -15.46 -4.12
CA ARG B 31 22.58 -14.11 -3.86
C ARG B 31 24.07 -14.06 -4.01
N ASN B 32 24.55 -12.87 -4.22
CA ASN B 32 25.95 -12.65 -4.38
C ASN B 32 26.25 -11.35 -3.69
N TYR B 33 26.53 -11.44 -2.39
CA TYR B 33 26.78 -10.27 -1.58
C TYR B 33 27.93 -9.40 -1.98
N ARG B 34 28.91 -9.98 -2.66
CA ARG B 34 30.07 -9.21 -3.08
C ARG B 34 29.89 -8.51 -4.43
N LYS B 35 29.02 -9.08 -5.26
CA LYS B 35 28.75 -8.56 -6.59
C LYS B 35 27.63 -7.54 -6.71
N TYR B 36 26.52 -7.82 -6.03
CA TYR B 36 25.36 -6.97 -6.10
C TYR B 36 25.14 -6.14 -4.86
N LEU B 37 25.15 -4.83 -5.07
CA LEU B 37 24.96 -3.86 -4.01
C LEU B 37 23.67 -4.16 -3.25
N TYR B 38 22.60 -4.40 -3.99
CA TYR B 38 21.33 -4.70 -3.34
C TYR B 38 21.43 -5.92 -2.44
N HIS B 39 22.09 -6.97 -2.93
CA HIS B 39 22.25 -8.20 -2.15
C HIS B 39 23.04 -7.89 -0.88
N ALA B 40 24.09 -7.08 -1.05
CA ALA B 40 24.94 -6.68 0.06
C ALA B 40 24.03 -6.05 1.11
N TYR B 41 23.15 -5.16 0.62
CA TYR B 41 22.16 -4.46 1.45
C TYR B 41 21.30 -5.45 2.27
N LEU B 42 20.67 -6.41 1.58
CA LEU B 42 19.87 -7.40 2.30
C LEU B 42 20.69 -8.08 3.39
N ALA B 43 21.90 -8.51 3.03
CA ALA B 43 22.81 -9.18 3.96
C ALA B 43 23.00 -8.37 5.25
N TYR B 44 23.22 -7.07 5.09
CA TYR B 44 23.43 -6.17 6.22
C TYR B 44 22.21 -6.09 7.10
N MET B 45 21.10 -5.71 6.48
CA MET B 45 19.83 -5.58 7.20
C MET B 45 19.61 -6.87 7.98
N GLU B 46 19.66 -8.00 7.29
CA GLU B 46 19.45 -9.29 7.95
C GLU B 46 20.42 -9.47 9.11
N ALA B 47 21.70 -9.20 8.87
CA ALA B 47 22.72 -9.34 9.88
C ALA B 47 22.41 -8.47 11.09
N ASN B 48 21.67 -7.40 10.88
CA ASN B 48 21.33 -6.50 11.97
C ASN B 48 19.91 -6.63 12.52
N GLY B 49 19.24 -7.71 12.17
CA GLY B 49 17.91 -7.95 12.67
C GLY B 49 16.74 -7.15 12.11
N TYR B 50 16.78 -6.81 10.84
CA TYR B 50 15.69 -6.06 10.24
C TYR B 50 15.05 -6.96 9.21
N ARG B 51 13.73 -7.12 9.31
CA ARG B 51 12.98 -7.99 8.41
C ARG B 51 12.39 -7.15 7.28
N ASN B 52 12.15 -5.89 7.58
CA ASN B 52 11.57 -4.95 6.65
C ASN B 52 12.67 -4.15 5.99
N VAL B 53 12.91 -4.41 4.71
CA VAL B 53 13.97 -3.69 4.01
C VAL B 53 13.43 -2.88 2.84
N LEU B 54 14.13 -1.80 2.48
CA LEU B 54 13.70 -0.98 1.35
C LEU B 54 13.70 -1.81 0.06
N SER B 55 12.74 -1.52 -0.80
CA SER B 55 12.66 -2.24 -2.07
C SER B 55 13.82 -1.75 -2.92
N LEU B 56 14.06 -2.44 -4.02
CA LEU B 56 15.12 -2.05 -4.91
C LEU B 56 14.85 -0.63 -5.34
N LYS B 57 13.64 -0.36 -5.79
CA LYS B 57 13.30 0.99 -6.25
C LYS B 57 13.51 2.06 -5.19
N MET B 58 13.04 1.81 -3.97
CA MET B 58 13.24 2.79 -2.91
C MET B 58 14.73 2.90 -2.56
N PHE B 59 15.41 1.74 -2.45
CA PHE B 59 16.83 1.74 -2.13
C PHE B 59 17.57 2.56 -3.17
N GLY B 60 17.23 2.30 -4.43
CA GLY B 60 17.85 3.00 -5.52
C GLY B 60 17.78 4.51 -5.37
N LEU B 61 16.58 5.03 -5.11
CA LEU B 61 16.38 6.47 -4.95
C LEU B 61 17.17 7.05 -3.80
N GLY B 62 17.17 6.34 -2.67
CA GLY B 62 17.89 6.82 -1.50
C GLY B 62 19.39 6.84 -1.69
N LEU B 63 19.94 5.79 -2.30
CA LEU B 63 21.39 5.66 -2.51
C LEU B 63 22.12 6.99 -2.77
N PRO B 64 21.86 7.63 -3.91
CA PRO B 64 22.51 8.90 -4.25
C PRO B 64 22.52 9.91 -3.11
N VAL B 65 21.37 10.03 -2.45
CA VAL B 65 21.24 11.02 -1.39
C VAL B 65 22.05 10.67 -0.16
N MET B 66 21.88 9.47 0.36
CA MET B 66 22.63 9.06 1.54
C MET B 66 24.15 9.11 1.28
N LEU B 67 24.56 8.79 0.05
CA LEU B 67 25.97 8.83 -0.29
C LEU B 67 26.45 10.25 -0.15
N LYS B 68 25.67 11.17 -0.72
CA LYS B 68 26.03 12.57 -0.67
C LYS B 68 26.14 12.99 0.81
N GLU B 69 25.27 12.44 1.65
CA GLU B 69 25.30 12.77 3.07
C GLU B 69 26.65 12.35 3.67
N TYR B 70 27.23 11.31 3.10
CA TYR B 70 28.52 10.82 3.55
C TYR B 70 29.65 11.53 2.79
N GLY B 71 29.28 12.45 1.90
CA GLY B 71 30.27 13.18 1.13
C GLY B 71 30.87 12.39 -0.03
N LEU B 72 30.11 11.45 -0.59
CA LEU B 72 30.57 10.63 -1.67
C LEU B 72 29.80 10.92 -2.94
N ASN B 73 30.41 10.68 -4.09
CA ASN B 73 29.75 10.92 -5.37
C ASN B 73 29.37 9.66 -6.11
N TYR B 74 28.07 9.36 -6.06
CA TYR B 74 27.51 8.19 -6.69
C TYR B 74 27.64 8.27 -8.20
N GLU B 75 27.96 7.13 -8.82
CA GLU B 75 28.08 7.05 -10.27
C GLU B 75 27.60 5.71 -10.78
N LYS B 76 26.61 5.73 -11.66
CA LYS B 76 26.09 4.49 -12.22
C LYS B 76 26.38 4.46 -13.70
N ARG B 77 26.07 3.33 -14.33
CA ARG B 77 26.26 3.15 -15.76
C ARG B 77 25.56 1.88 -16.22
N HIS B 78 24.83 1.98 -17.32
CA HIS B 78 24.11 0.84 -17.89
C HIS B 78 25.10 -0.03 -18.66
N THR B 79 25.01 -1.35 -18.44
CA THR B 79 25.92 -2.30 -19.09
C THR B 79 25.25 -3.60 -19.50
N LYS B 80 25.99 -4.34 -20.33
CA LYS B 80 25.58 -5.64 -20.82
C LYS B 80 25.14 -6.50 -19.64
N GLN B 81 25.69 -6.20 -18.46
CA GLN B 81 25.39 -6.94 -17.23
C GLN B 81 24.43 -6.21 -16.25
N GLY B 82 23.84 -5.09 -16.69
CA GLY B 82 22.92 -4.33 -15.84
C GLY B 82 23.49 -2.98 -15.44
N ILE B 83 23.04 -2.42 -14.33
CA ILE B 83 23.57 -1.13 -13.89
C ILE B 83 24.76 -1.40 -13.00
N GLN B 84 25.90 -0.79 -13.33
CA GLN B 84 27.10 -0.96 -12.51
C GLN B 84 27.45 0.35 -11.86
N THR B 85 27.82 0.29 -10.58
CA THR B 85 28.15 1.48 -9.80
C THR B 85 29.65 1.69 -9.67
N ASN B 86 30.04 2.73 -8.94
CA ASN B 86 31.44 3.02 -8.71
C ASN B 86 31.66 2.82 -7.22
N LEU B 87 31.01 1.82 -6.64
CA LEU B 87 31.14 1.58 -5.21
C LEU B 87 31.59 0.19 -4.82
N THR B 88 32.28 0.13 -3.68
CA THR B 88 32.77 -1.14 -3.16
C THR B 88 32.69 -1.12 -1.64
N LEU B 89 32.64 -2.31 -1.07
CA LEU B 89 32.53 -2.45 0.37
C LEU B 89 33.84 -2.17 1.06
N LYS B 90 33.80 -1.36 2.11
CA LYS B 90 34.98 -1.06 2.88
C LYS B 90 35.37 -2.37 3.53
N GLU B 91 36.54 -2.36 4.12
CA GLU B 91 37.11 -3.52 4.76
C GLU B 91 36.32 -4.01 5.96
N GLU B 92 35.93 -3.09 6.84
CA GLU B 92 35.20 -3.48 8.04
C GLU B 92 33.96 -4.31 7.71
N SER B 93 33.48 -4.19 6.48
CA SER B 93 32.33 -4.95 6.08
C SER B 93 32.58 -6.43 6.30
N TYR B 94 33.75 -6.86 5.85
CA TYR B 94 34.19 -8.25 5.90
C TYR B 94 34.09 -8.93 7.27
N GLY B 95 34.54 -8.22 8.31
CA GLY B 95 34.45 -8.78 9.64
C GLY B 95 33.11 -8.54 10.34
N ASP B 96 32.47 -7.40 10.05
CA ASP B 96 31.19 -7.04 10.67
C ASP B 96 29.99 -7.85 10.27
N TRP B 97 29.62 -7.84 9.00
CA TRP B 97 28.40 -8.53 8.58
C TRP B 97 28.42 -9.37 7.34
N LEU B 98 29.33 -9.06 6.40
CA LEU B 98 29.42 -9.81 5.13
C LEU B 98 29.50 -11.30 5.43
N PRO B 99 28.55 -12.07 4.88
CA PRO B 99 28.59 -13.50 5.16
C PRO B 99 29.88 -14.21 4.76
N LYS B 100 30.28 -15.18 5.59
CA LYS B 100 31.49 -15.97 5.39
C LYS B 100 31.18 -17.08 4.41
N ASP C 1 9.42 -34.63 -1.37
CA ASP C 1 8.31 -34.57 -2.36
C ASP C 1 6.99 -34.87 -1.64
N ALA C 2 6.90 -36.05 -1.02
CA ALA C 2 5.69 -36.43 -0.29
C ALA C 2 5.81 -36.04 1.19
N ASP C 3 4.96 -35.12 1.64
CA ASP C 3 4.96 -34.63 3.02
C ASP C 3 3.57 -34.72 3.66
N PRO C 4 3.01 -35.94 3.71
CA PRO C 4 1.67 -36.15 4.28
C PRO C 4 1.44 -35.74 5.70
N THR C 5 2.38 -36.00 6.61
CA THR C 5 2.10 -35.60 7.97
C THR C 5 1.80 -34.12 8.03
N PHE C 6 2.46 -33.31 7.21
CA PHE C 6 2.19 -31.87 7.22
C PHE C 6 0.77 -31.58 6.70
N ASP C 7 0.36 -32.29 5.65
CA ASP C 7 -0.97 -32.13 5.07
C ASP C 7 -2.03 -32.41 6.13
N PHE C 8 -1.86 -33.52 6.84
CA PHE C 8 -2.78 -33.91 7.90
C PHE C 8 -2.92 -32.76 8.87
N ILE C 9 -1.79 -32.18 9.26
CA ILE C 9 -1.81 -31.06 10.19
C ILE C 9 -2.61 -29.90 9.59
N GLY C 10 -2.89 -29.98 8.30
CA GLY C 10 -3.68 -28.95 7.64
C GLY C 10 -5.17 -29.06 8.01
N TYR C 11 -5.56 -30.23 8.48
CA TYR C 11 -6.93 -30.49 8.89
C TYR C 11 -7.12 -30.21 10.35
N LEU C 12 -6.22 -29.46 10.97
CA LEU C 12 -6.36 -29.19 12.39
C LEU C 12 -6.61 -27.74 12.73
N GLU C 13 -7.39 -27.56 13.81
CA GLU C 13 -7.73 -26.24 14.31
C GLU C 13 -7.43 -26.20 15.81
N THR C 14 -7.08 -25.01 16.31
CA THR C 14 -6.77 -24.79 17.73
C THR C 14 -7.99 -24.25 18.47
N LEU C 15 -8.03 -24.50 19.78
CA LEU C 15 -9.13 -24.02 20.61
C LEU C 15 -8.55 -22.97 21.54
N PRO C 16 -9.39 -22.03 22.01
CA PRO C 16 -8.88 -21.00 22.92
C PRO C 16 -8.27 -21.59 24.20
N GLN C 17 -8.48 -22.89 24.43
CA GLN C 17 -7.93 -23.56 25.61
C GLN C 17 -7.67 -25.03 25.35
N THR C 18 -6.69 -25.56 26.08
CA THR C 18 -6.30 -26.95 25.96
C THR C 18 -7.42 -27.91 26.38
N SER C 19 -8.41 -28.04 25.50
CA SER C 19 -9.51 -28.95 25.75
C SER C 19 -9.90 -29.75 24.51
N GLY C 20 -9.00 -29.81 23.51
CA GLY C 20 -9.27 -30.56 22.30
C GLY C 20 -8.97 -32.06 22.41
N MET C 21 -8.62 -32.68 21.27
CA MET C 21 -8.30 -34.12 21.22
C MET C 21 -7.18 -34.56 22.17
N TYR C 22 -7.11 -35.86 22.35
CA TYR C 22 -6.08 -36.47 23.17
C TYR C 22 -4.99 -37.07 22.28
N MET C 23 -3.76 -36.92 22.69
CA MET C 23 -2.67 -37.49 21.90
C MET C 23 -2.63 -38.97 22.23
N GLY C 24 -3.56 -39.76 21.74
CA GLY C 24 -3.54 -41.18 22.06
C GLY C 24 -2.19 -41.87 21.84
N ASN C 25 -2.23 -43.15 21.53
CA ASN C 25 -1.00 -43.89 21.25
C ASN C 25 -1.33 -45.17 20.50
N ALA C 26 -0.32 -45.79 19.90
CA ALA C 26 -0.55 -47.00 19.13
C ALA C 26 -1.14 -48.14 19.95
N SER C 27 -0.92 -48.12 21.26
CA SER C 27 -1.43 -49.21 22.09
C SER C 27 -2.97 -49.26 22.24
N ILE C 28 -3.59 -48.10 22.47
CA ILE C 28 -5.04 -48.06 22.62
C ILE C 28 -5.69 -48.75 21.41
N ILE C 29 -6.31 -49.90 21.68
CA ILE C 29 -6.95 -50.72 20.64
C ILE C 29 -8.14 -50.17 19.87
N PRO C 30 -9.39 -50.64 20.12
CA PRO C 30 -10.40 -50.01 19.26
C PRO C 30 -10.05 -48.55 19.06
N ARG C 31 -9.64 -48.26 17.83
CA ARG C 31 -9.21 -46.91 17.49
C ARG C 31 -10.36 -45.98 17.74
N ASN C 32 -10.02 -44.72 17.96
CA ASN C 32 -11.01 -43.70 18.17
C ASN C 32 -10.50 -42.49 17.45
N TYR C 33 -10.79 -42.43 16.15
CA TYR C 33 -10.34 -41.35 15.30
C TYR C 33 -10.76 -39.94 15.69
N ARG C 34 -11.85 -39.83 16.42
CA ARG C 34 -12.32 -38.52 16.81
C ARG C 34 -11.76 -38.05 18.17
N LYS C 35 -11.36 -39.00 18.99
CA LYS C 35 -10.82 -38.75 20.33
C LYS C 35 -9.29 -38.61 20.41
N TYR C 36 -8.59 -39.50 19.72
CA TYR C 36 -7.13 -39.50 19.75
C TYR C 36 -6.48 -38.96 18.49
N LEU C 37 -5.72 -37.88 18.68
CA LEU C 37 -5.05 -37.21 17.58
C LEU C 37 -4.20 -38.21 16.80
N TYR C 38 -3.45 -39.02 17.54
CA TYR C 38 -2.59 -39.98 16.86
C TYR C 38 -3.41 -40.94 15.99
N HIS C 39 -4.55 -41.38 16.51
CA HIS C 39 -5.42 -42.30 15.78
C HIS C 39 -5.93 -41.60 14.53
N ALA C 40 -6.32 -40.33 14.69
CA ALA C 40 -6.80 -39.54 13.54
C ALA C 40 -5.68 -39.55 12.49
N TYR C 41 -4.46 -39.34 12.97
CA TYR C 41 -3.28 -39.34 12.14
C TYR C 41 -3.18 -40.61 11.29
N LEU C 42 -3.21 -41.76 11.97
CA LEU C 42 -3.14 -43.03 11.27
C LEU C 42 -4.23 -43.11 10.20
N ALA C 43 -5.46 -42.79 10.59
CA ALA C 43 -6.61 -42.80 9.68
C ALA C 43 -6.31 -42.04 8.39
N TYR C 44 -5.77 -40.84 8.55
CA TYR C 44 -5.42 -39.99 7.43
C TYR C 44 -4.38 -40.65 6.50
N MET C 45 -3.20 -40.96 7.04
CA MET C 45 -2.11 -41.59 6.27
C MET C 45 -2.71 -42.79 5.49
N GLU C 46 -3.40 -43.64 6.23
CA GLU C 46 -4.03 -44.82 5.67
C GLU C 46 -4.97 -44.44 4.50
N ALA C 47 -5.82 -43.45 4.74
CA ALA C 47 -6.76 -42.99 3.73
C ALA C 47 -6.02 -42.44 2.53
N ASN C 48 -4.78 -42.02 2.75
CA ASN C 48 -3.99 -41.48 1.66
C ASN C 48 -2.92 -42.43 1.07
N GLY C 49 -3.03 -43.71 1.41
CA GLY C 49 -2.11 -44.70 0.86
C GLY C 49 -0.69 -44.73 1.39
N TYR C 50 -0.53 -44.41 2.66
CA TYR C 50 0.78 -44.42 3.28
C TYR C 50 0.85 -45.56 4.28
N ARG C 51 1.83 -46.43 4.07
CA ARG C 51 2.04 -47.58 4.93
C ARG C 51 3.04 -47.15 6.00
N ASN C 52 3.90 -46.21 5.64
CA ASN C 52 4.92 -45.72 6.56
C ASN C 52 4.43 -44.49 7.36
N VAL C 53 4.16 -44.67 8.65
CA VAL C 53 3.71 -43.53 9.45
C VAL C 53 4.69 -43.19 10.57
N LEU C 54 4.73 -41.91 10.94
CA LEU C 54 5.61 -41.48 12.01
C LEU C 54 5.16 -42.14 13.29
N SER C 55 6.12 -42.45 14.15
CA SER C 55 5.83 -43.07 15.43
C SER C 55 5.19 -42.01 16.29
N LEU C 56 4.59 -42.42 17.40
CA LEU C 56 3.97 -41.47 18.30
C LEU C 56 5.04 -40.47 18.72
N LYS C 57 6.19 -40.99 19.08
CA LYS C 57 7.32 -40.17 19.52
C LYS C 57 7.71 -39.13 18.48
N MET C 58 7.94 -39.60 17.25
CA MET C 58 8.31 -38.74 16.14
C MET C 58 7.18 -37.76 15.83
N PHE C 59 5.96 -38.27 15.73
CA PHE C 59 4.79 -37.44 15.47
C PHE C 59 4.69 -36.34 16.55
N GLY C 60 4.85 -36.75 17.80
CA GLY C 60 4.77 -35.81 18.90
C GLY C 60 5.70 -34.64 18.71
N LEU C 61 6.97 -34.92 18.42
CA LEU C 61 7.96 -33.86 18.23
C LEU C 61 7.61 -32.93 17.07
N GLY C 62 7.23 -33.52 15.94
CA GLY C 62 6.90 -32.71 14.78
C GLY C 62 5.70 -31.80 14.99
N LEU C 63 4.67 -32.34 15.65
CA LEU C 63 3.44 -31.60 15.92
C LEU C 63 3.63 -30.10 16.12
N PRO C 64 4.22 -29.69 17.26
CA PRO C 64 4.44 -28.27 17.55
C PRO C 64 5.04 -27.50 16.39
N VAL C 65 6.03 -28.08 15.75
CA VAL C 65 6.69 -27.42 14.62
C VAL C 65 5.78 -27.14 13.45
N MET C 66 5.18 -28.21 12.91
CA MET C 66 4.29 -28.07 11.76
C MET C 66 3.08 -27.17 12.07
N LEU C 67 2.58 -27.20 13.31
CA LEU C 67 1.46 -26.31 13.65
C LEU C 67 1.91 -24.87 13.52
N LYS C 68 3.10 -24.58 14.05
CA LYS C 68 3.63 -23.23 13.97
C LYS C 68 3.79 -22.84 12.51
N GLU C 69 4.17 -23.80 11.67
CA GLU C 69 4.32 -23.52 10.24
C GLU C 69 2.96 -23.10 9.65
N TYR C 70 1.86 -23.58 10.25
CA TYR C 70 0.52 -23.22 9.80
C TYR C 70 0.03 -21.98 10.56
N GLY C 71 0.90 -21.47 11.45
CA GLY C 71 0.55 -20.30 12.23
C GLY C 71 -0.37 -20.57 13.39
N LEU C 72 -0.29 -21.76 13.97
CA LEU C 72 -1.15 -22.09 15.09
C LEU C 72 -0.32 -22.36 16.34
N ASN C 73 -0.93 -22.18 17.51
CA ASN C 73 -0.18 -22.42 18.73
C ASN C 73 -0.59 -23.65 19.51
N TYR C 74 0.29 -24.64 19.45
CA TYR C 74 0.06 -25.92 20.10
C TYR C 74 0.00 -25.78 21.63
N GLU C 75 -0.90 -26.53 22.26
CA GLU C 75 -1.05 -26.50 23.72
C GLU C 75 -1.44 -27.87 24.23
N LYS C 76 -0.58 -28.44 25.07
CA LYS C 76 -0.86 -29.75 25.64
C LYS C 76 -1.08 -29.59 27.14
N ARG C 77 -1.47 -30.66 27.80
CA ARG C 77 -1.70 -30.61 29.24
C ARG C 77 -1.83 -32.04 29.76
N HIS C 78 -1.09 -32.35 30.82
CA HIS C 78 -1.15 -33.69 31.39
C HIS C 78 -2.44 -33.84 32.16
N THR C 79 -3.10 -34.97 31.99
CA THR C 79 -4.35 -35.23 32.73
C THR C 79 -4.42 -36.69 33.14
N LYS C 80 -5.23 -37.00 34.15
CA LYS C 80 -5.39 -38.36 34.63
C LYS C 80 -5.64 -39.24 33.41
N GLN C 81 -6.21 -38.60 32.38
CA GLN C 81 -6.54 -39.28 31.14
C GLN C 81 -5.55 -38.94 30.01
N GLY C 82 -4.25 -39.14 30.27
CA GLY C 82 -3.25 -38.84 29.25
C GLY C 82 -3.04 -37.36 28.93
N ILE C 83 -2.40 -37.10 27.81
CA ILE C 83 -2.11 -35.75 27.38
C ILE C 83 -3.26 -35.26 26.52
N GLN C 84 -3.83 -34.11 26.87
CA GLN C 84 -4.91 -33.51 26.09
C GLN C 84 -4.39 -32.27 25.39
N THR C 85 -4.81 -32.09 24.15
CA THR C 85 -4.39 -30.96 23.34
C THR C 85 -5.47 -29.90 23.24
N ASN C 86 -5.18 -28.84 22.50
CA ASN C 86 -6.14 -27.78 22.29
C ASN C 86 -6.47 -27.81 20.78
N LEU C 87 -6.55 -29.02 20.21
CA LEU C 87 -6.81 -29.16 18.78
C LEU C 87 -8.06 -29.97 18.44
N THR C 88 -8.65 -29.61 17.29
CA THR C 88 -9.85 -30.26 16.78
C THR C 88 -9.75 -30.42 15.29
N LEU C 89 -10.45 -31.41 14.75
CA LEU C 89 -10.46 -31.64 13.31
C LEU C 89 -11.37 -30.62 12.61
N LYS C 90 -10.85 -29.97 11.57
CA LYS C 90 -11.64 -29.02 10.80
C LYS C 90 -12.77 -29.81 10.16
N GLU C 91 -13.71 -29.08 9.57
CA GLU C 91 -14.87 -29.73 8.98
C GLU C 91 -14.57 -30.64 7.83
N GLU C 92 -13.76 -30.15 6.90
CA GLU C 92 -13.44 -30.92 5.71
C GLU C 92 -12.92 -32.32 6.03
N SER C 93 -12.42 -32.50 7.25
CA SER C 93 -11.91 -33.80 7.64
C SER C 93 -12.98 -34.84 7.41
N TYR C 94 -14.16 -34.53 7.93
CA TYR C 94 -15.29 -35.44 7.87
C TYR C 94 -15.61 -36.03 6.54
N GLY C 95 -15.60 -35.20 5.51
CA GLY C 95 -15.91 -35.71 4.19
C GLY C 95 -14.72 -36.26 3.45
N ASP C 96 -13.54 -35.73 3.77
CA ASP C 96 -12.32 -36.14 3.11
C ASP C 96 -11.75 -37.51 3.45
N TRP C 97 -11.47 -37.74 4.72
CA TRP C 97 -10.86 -39.00 5.10
C TRP C 97 -11.33 -39.67 6.37
N LEU C 98 -11.86 -38.89 7.32
CA LEU C 98 -12.32 -39.46 8.59
C LEU C 98 -13.27 -40.62 8.31
N PRO C 99 -12.98 -41.79 8.90
CA PRO C 99 -13.85 -42.94 8.68
C PRO C 99 -15.30 -42.71 9.12
N LYS C 100 -16.22 -43.27 8.35
CA LYS C 100 -17.64 -43.16 8.62
C LYS C 100 -18.01 -44.34 9.47
N ASP D 1 2.31 -22.42 4.67
CA ASP D 1 1.30 -23.37 4.07
C ASP D 1 1.97 -24.26 3.01
N ALA D 2 3.10 -23.79 2.48
CA ALA D 2 3.84 -24.53 1.47
C ALA D 2 4.81 -25.52 2.13
N ASP D 3 5.07 -25.30 3.41
CA ASP D 3 5.98 -26.12 4.21
C ASP D 3 7.42 -26.00 3.70
N PRO D 4 7.93 -24.78 3.63
CA PRO D 4 9.28 -24.52 3.17
C PRO D 4 10.33 -25.25 3.99
N THR D 5 10.19 -25.23 5.31
CA THR D 5 11.16 -25.92 6.14
C THR D 5 11.38 -27.35 5.66
N PHE D 6 10.30 -28.05 5.35
CA PHE D 6 10.39 -29.42 4.86
C PHE D 6 11.17 -29.49 3.54
N ASP D 7 10.86 -28.59 2.63
CA ASP D 7 11.55 -28.58 1.36
C ASP D 7 13.05 -28.39 1.51
N PHE D 8 13.43 -27.48 2.40
CA PHE D 8 14.82 -27.22 2.70
C PHE D 8 15.48 -28.53 3.09
N ILE D 9 14.86 -29.24 4.02
CA ILE D 9 15.38 -30.52 4.48
C ILE D 9 15.57 -31.46 3.29
N GLY D 10 14.98 -31.10 2.16
CA GLY D 10 15.12 -31.95 0.99
C GLY D 10 16.47 -31.79 0.35
N TYR D 11 17.16 -30.70 0.70
CA TYR D 11 18.49 -30.40 0.17
C TYR D 11 19.58 -30.96 1.08
N LEU D 12 19.22 -31.85 2.00
CA LEU D 12 20.18 -32.40 2.95
C LEU D 12 20.49 -33.87 2.77
N GLU D 13 21.73 -34.22 3.05
CA GLU D 13 22.26 -35.58 2.97
C GLU D 13 22.93 -35.93 4.28
N THR D 14 22.85 -37.21 4.64
CA THR D 14 23.47 -37.69 5.87
C THR D 14 24.88 -38.25 5.60
N LEU D 15 25.71 -38.21 6.64
CA LEU D 15 27.08 -38.69 6.53
C LEU D 15 27.30 -39.92 7.40
N PRO D 16 28.28 -40.76 7.00
CA PRO D 16 28.63 -41.98 7.71
C PRO D 16 28.85 -41.74 9.22
N GLN D 17 29.10 -40.49 9.59
CA GLN D 17 29.33 -40.13 10.99
C GLN D 17 29.06 -38.64 11.27
N THR D 18 28.83 -38.35 12.56
CA THR D 18 28.54 -37.00 13.00
C THR D 18 29.75 -36.07 12.75
N SER D 19 29.98 -35.75 11.47
CA SER D 19 31.08 -34.88 11.08
C SER D 19 30.62 -33.78 10.11
N GLY D 20 29.32 -33.70 9.90
CA GLY D 20 28.78 -32.70 8.98
C GLY D 20 28.68 -31.27 9.51
N MET D 21 27.65 -30.57 9.04
CA MET D 21 27.40 -29.18 9.41
C MET D 21 27.18 -29.00 10.91
N TYR D 22 27.34 -27.77 11.36
CA TYR D 22 27.12 -27.41 12.73
C TYR D 22 25.75 -26.73 12.84
N MET D 23 25.02 -27.02 13.92
CA MET D 23 23.73 -26.39 14.11
C MET D 23 24.01 -25.00 14.67
N GLY D 24 24.45 -24.06 13.84
CA GLY D 24 24.75 -22.75 14.38
C GLY D 24 23.63 -22.12 15.20
N ASN D 25 23.52 -20.79 15.17
CA ASN D 25 22.45 -20.11 15.89
C ASN D 25 22.33 -18.70 15.35
N ALA D 26 21.24 -18.04 15.67
CA ALA D 26 20.99 -16.67 15.19
C ALA D 26 22.05 -15.65 15.62
N SER D 27 22.69 -15.90 16.76
CA SER D 27 23.69 -14.97 17.26
C SER D 27 24.96 -14.86 16.43
N ILE D 28 25.52 -15.99 16.01
CA ILE D 28 26.72 -16.01 15.19
C ILE D 28 26.51 -15.03 14.03
N ILE D 29 27.17 -13.87 14.06
CA ILE D 29 26.92 -12.93 13.00
C ILE D 29 27.45 -13.22 11.61
N PRO D 30 28.62 -12.67 11.18
CA PRO D 30 28.95 -13.04 9.80
C PRO D 30 28.43 -14.46 9.55
N ARG D 31 27.31 -14.53 8.82
CA ARG D 31 26.67 -15.81 8.55
C ARG D 31 27.62 -16.70 7.81
N ASN D 32 27.41 -18.01 7.94
CA ASN D 32 28.24 -18.96 7.27
C ASN D 32 27.32 -20.06 6.79
N TYR D 33 26.77 -19.85 5.60
CA TYR D 33 25.82 -20.79 5.07
C TYR D 33 26.32 -22.20 4.84
N ARG D 34 27.62 -22.37 4.64
CA ARG D 34 28.13 -23.72 4.41
C ARG D 34 28.52 -24.45 5.70
N LYS D 35 28.78 -23.69 6.73
CA LYS D 35 29.18 -24.24 8.02
C LYS D 35 28.03 -24.49 8.99
N TYR D 36 27.10 -23.54 9.12
CA TYR D 36 25.99 -23.72 10.04
C TYR D 36 24.65 -24.04 9.39
N LEU D 37 24.08 -25.16 9.83
CA LEU D 37 22.80 -25.65 9.32
C LEU D 37 21.73 -24.58 9.42
N TYR D 38 21.65 -23.96 10.59
CA TYR D 38 20.65 -22.93 10.78
C TYR D 38 20.83 -21.78 9.79
N HIS D 39 22.08 -21.39 9.54
CA HIS D 39 22.36 -20.31 8.61
C HIS D 39 21.96 -20.74 7.21
N ALA D 40 22.25 -21.99 6.87
CA ALA D 40 21.87 -22.50 5.57
C ALA D 40 20.36 -22.34 5.46
N TYR D 41 19.67 -22.75 6.52
CA TYR D 41 18.21 -22.66 6.59
C TYR D 41 17.71 -21.24 6.28
N LEU D 42 18.20 -20.26 7.04
CA LEU D 42 17.79 -18.89 6.80
C LEU D 42 18.02 -18.50 5.35
N ALA D 43 19.19 -18.85 4.81
CA ALA D 43 19.50 -18.51 3.43
C ALA D 43 18.44 -19.05 2.47
N TYR D 44 18.00 -20.28 2.71
CA TYR D 44 17.00 -20.93 1.88
C TYR D 44 15.68 -20.20 1.95
N MET D 45 15.13 -20.08 3.16
CA MET D 45 13.85 -19.37 3.35
C MET D 45 13.91 -18.02 2.64
N GLU D 46 14.92 -17.24 2.94
CA GLU D 46 15.08 -15.94 2.32
C GLU D 46 15.10 -16.05 0.81
N ALA D 47 15.84 -17.02 0.31
CA ALA D 47 15.96 -17.23 -1.13
C ALA D 47 14.60 -17.54 -1.72
N ASN D 48 13.70 -18.11 -0.92
CA ASN D 48 12.40 -18.42 -1.45
C ASN D 48 11.28 -17.48 -0.99
N GLY D 49 11.66 -16.30 -0.53
CA GLY D 49 10.68 -15.30 -0.14
C GLY D 49 9.91 -15.46 1.15
N TYR D 50 10.50 -16.05 2.16
CA TYR D 50 9.81 -16.19 3.43
C TYR D 50 10.50 -15.30 4.44
N ARG D 51 9.71 -14.41 5.02
CA ARG D 51 10.18 -13.45 6.01
C ARG D 51 10.09 -14.07 7.40
N ASN D 52 9.19 -15.05 7.54
CA ASN D 52 8.97 -15.71 8.81
C ASN D 52 9.59 -17.10 8.86
N VAL D 53 10.65 -17.23 9.65
CA VAL D 53 11.39 -18.49 9.79
C VAL D 53 11.32 -19.13 11.17
N LEU D 54 11.44 -20.45 11.21
CA LEU D 54 11.41 -21.17 12.47
C LEU D 54 12.57 -20.74 13.33
N SER D 55 12.35 -20.65 14.63
CA SER D 55 13.41 -20.26 15.54
C SER D 55 14.37 -21.43 15.59
N LEU D 56 15.53 -21.20 16.17
CA LEU D 56 16.52 -22.26 16.29
C LEU D 56 15.87 -23.41 17.05
N LYS D 57 15.26 -23.08 18.19
CA LYS D 57 14.59 -24.06 19.05
C LYS D 57 13.59 -24.89 18.25
N MET D 58 12.70 -24.20 17.55
CA MET D 58 11.68 -24.86 16.74
C MET D 58 12.31 -25.67 15.64
N PHE D 59 13.24 -25.06 14.92
CA PHE D 59 13.92 -25.73 13.82
C PHE D 59 14.58 -26.99 14.34
N GLY D 60 15.27 -26.84 15.47
CA GLY D 60 15.93 -27.98 16.06
C GLY D 60 15.00 -29.15 16.26
N LEU D 61 13.86 -28.90 16.91
CA LEU D 61 12.87 -29.93 17.18
C LEU D 61 12.37 -30.64 15.92
N GLY D 62 12.07 -29.84 14.90
CA GLY D 62 11.56 -30.40 13.67
C GLY D 62 12.55 -31.26 12.91
N LEU D 63 13.79 -30.76 12.84
CA LEU D 63 14.87 -31.43 12.12
C LEU D 63 14.78 -32.96 12.14
N PRO D 64 14.99 -33.60 13.31
CA PRO D 64 14.92 -35.07 13.37
C PRO D 64 13.69 -35.66 12.72
N VAL D 65 12.53 -35.04 12.95
CA VAL D 65 11.27 -35.55 12.39
C VAL D 65 11.25 -35.49 10.87
N MET D 66 11.42 -34.29 10.31
CA MET D 66 11.40 -34.13 8.86
C MET D 66 12.45 -35.00 8.16
N LEU D 67 13.59 -35.20 8.80
CA LEU D 67 14.65 -36.02 8.24
C LEU D 67 14.14 -37.46 8.14
N LYS D 68 13.51 -37.94 9.21
CA LYS D 68 12.98 -39.30 9.20
C LYS D 68 11.95 -39.40 8.07
N GLU D 69 11.21 -38.31 7.85
CA GLU D 69 10.21 -38.23 6.79
C GLU D 69 10.86 -38.52 5.44
N TYR D 70 12.09 -38.06 5.30
CA TYR D 70 12.83 -38.26 4.06
C TYR D 70 13.59 -39.59 4.13
N GLY D 71 13.43 -40.30 5.24
CA GLY D 71 14.11 -41.57 5.42
C GLY D 71 15.59 -41.47 5.78
N LEU D 72 15.96 -40.40 6.48
CA LEU D 72 17.36 -40.23 6.88
C LEU D 72 17.48 -40.27 8.39
N ASN D 73 18.66 -40.63 8.87
CA ASN D 73 18.89 -40.73 10.30
C ASN D 73 19.75 -39.60 10.84
N TYR D 74 19.09 -38.69 11.56
CA TYR D 74 19.76 -37.53 12.15
C TYR D 74 20.72 -37.95 13.24
N GLU D 75 21.87 -37.29 13.29
CA GLU D 75 22.89 -37.56 14.29
C GLU D 75 23.61 -36.29 14.74
N LYS D 76 23.49 -35.99 16.02
CA LYS D 76 24.11 -34.81 16.59
C LYS D 76 25.27 -35.24 17.48
N ARG D 77 26.05 -34.28 17.93
CA ARG D 77 27.21 -34.52 18.80
C ARG D 77 27.69 -33.21 19.42
N HIS D 78 27.78 -33.17 20.77
CA HIS D 78 28.26 -31.97 21.49
C HIS D 78 29.77 -31.82 21.25
N THR D 79 30.23 -30.63 20.92
CA THR D 79 31.65 -30.42 20.64
C THR D 79 32.19 -29.06 21.10
N LYS D 80 33.52 -28.94 21.05
CA LYS D 80 34.21 -27.71 21.44
C LYS D 80 33.59 -26.54 20.68
N GLN D 81 33.10 -26.82 19.47
CA GLN D 81 32.47 -25.79 18.66
C GLN D 81 31.02 -25.62 19.16
N GLY D 82 30.27 -26.72 19.24
CA GLY D 82 28.89 -26.66 19.71
C GLY D 82 28.24 -27.98 19.40
N ILE D 83 27.17 -27.97 18.62
CA ILE D 83 26.56 -29.23 18.25
C ILE D 83 26.88 -29.43 16.81
N GLN D 84 27.47 -30.57 16.49
CA GLN D 84 27.82 -30.89 15.12
C GLN D 84 26.94 -32.02 14.64
N THR D 85 26.48 -31.89 13.40
CA THR D 85 25.57 -32.84 12.78
C THR D 85 26.29 -33.81 11.84
N ASN D 86 25.53 -34.73 11.26
CA ASN D 86 26.08 -35.68 10.31
C ASN D 86 25.42 -35.32 8.98
N LEU D 87 25.21 -34.02 8.76
CA LEU D 87 24.53 -33.57 7.56
C LEU D 87 25.32 -32.63 6.65
N THR D 88 25.06 -32.73 5.35
CA THR D 88 25.70 -31.86 4.36
C THR D 88 24.69 -31.49 3.29
N LEU D 89 24.94 -30.37 2.62
CA LEU D 89 24.05 -29.91 1.57
C LEU D 89 24.25 -30.66 0.28
N LYS D 90 23.16 -31.11 -0.32
CA LYS D 90 23.24 -31.81 -1.59
C LYS D 90 23.79 -30.84 -2.61
N GLU D 91 24.17 -31.36 -3.77
CA GLU D 91 24.73 -30.54 -4.83
C GLU D 91 23.79 -29.46 -5.30
N GLU D 92 22.57 -29.87 -5.65
CA GLU D 92 21.60 -28.91 -6.17
C GLU D 92 21.51 -27.65 -5.33
N SER D 93 21.86 -27.75 -4.06
CA SER D 93 21.80 -26.59 -3.20
C SER D 93 22.60 -25.46 -3.80
N TYR D 94 23.81 -25.79 -4.26
CA TYR D 94 24.73 -24.82 -4.82
C TYR D 94 24.19 -23.96 -5.94
N GLY D 95 23.47 -24.59 -6.85
CA GLY D 95 22.91 -23.82 -7.95
C GLY D 95 21.55 -23.18 -7.65
N ASP D 96 20.74 -23.86 -6.83
CA ASP D 96 19.42 -23.36 -6.47
C ASP D 96 19.36 -22.15 -5.60
N TRP D 97 19.94 -22.21 -4.40
CA TRP D 97 19.81 -21.10 -3.49
C TRP D 97 21.00 -20.66 -2.68
N LEU D 98 21.94 -21.56 -2.44
CA LEU D 98 23.13 -21.20 -1.67
C LEU D 98 23.73 -19.92 -2.22
N PRO D 99 23.95 -18.92 -1.35
CA PRO D 99 24.54 -17.66 -1.84
C PRO D 99 25.94 -17.87 -2.46
N LYS D 100 26.25 -17.10 -3.48
CA LYS D 100 27.54 -17.21 -4.14
C LYS D 100 28.50 -16.16 -3.60
N ASP E 1 -16.89 24.13 -24.01
CA ASP E 1 -16.67 24.96 -22.78
C ASP E 1 -15.82 24.22 -21.75
N ALA E 2 -15.17 24.99 -20.89
CA ALA E 2 -14.31 24.45 -19.85
C ALA E 2 -15.05 24.27 -18.50
N ASP E 3 -16.39 24.43 -18.53
CA ASP E 3 -17.30 24.33 -17.38
C ASP E 3 -16.66 24.53 -15.99
N PRO E 4 -16.23 25.75 -15.74
CA PRO E 4 -15.58 26.24 -14.52
C PRO E 4 -16.47 26.11 -13.29
N THR E 5 -17.74 26.47 -13.44
CA THR E 5 -18.64 26.40 -12.29
C THR E 5 -18.60 25.01 -11.68
N PHE E 6 -18.55 24.00 -12.56
CA PHE E 6 -18.50 22.62 -12.11
C PHE E 6 -17.23 22.33 -11.31
N ASP E 7 -16.09 22.77 -11.82
CA ASP E 7 -14.81 22.55 -11.13
C ASP E 7 -14.84 23.23 -9.76
N PHE E 8 -15.34 24.46 -9.71
CA PHE E 8 -15.44 25.16 -8.45
C PHE E 8 -16.14 24.30 -7.43
N ILE E 9 -17.26 23.73 -7.84
CA ILE E 9 -18.04 22.90 -6.97
C ILE E 9 -17.22 21.71 -6.49
N GLY E 10 -16.10 21.49 -7.17
CA GLY E 10 -15.22 20.41 -6.78
C GLY E 10 -14.46 20.74 -5.51
N TYR E 11 -14.39 22.02 -5.15
CA TYR E 11 -13.70 22.47 -3.94
C TYR E 11 -14.65 22.55 -2.74
N LEU E 12 -15.81 21.92 -2.86
CA LEU E 12 -16.80 21.98 -1.79
C LEU E 12 -17.06 20.68 -1.05
N GLU E 13 -17.31 20.83 0.24
CA GLU E 13 -17.59 19.71 1.13
C GLU E 13 -18.91 19.97 1.84
N THR E 14 -19.59 18.88 2.18
CA THR E 14 -20.86 18.92 2.88
C THR E 14 -20.67 18.77 4.39
N LEU E 15 -21.53 19.40 5.17
CA LEU E 15 -21.44 19.27 6.63
C LEU E 15 -22.63 18.45 7.12
N PRO E 16 -22.49 17.80 8.28
CA PRO E 16 -23.60 17.00 8.81
C PRO E 16 -24.88 17.82 9.05
N GLN E 17 -24.78 19.15 8.97
CA GLN E 17 -25.95 20.01 9.14
C GLN E 17 -25.79 21.37 8.49
N THR E 18 -26.92 21.97 8.16
CA THR E 18 -26.94 23.28 7.51
C THR E 18 -26.33 24.39 8.36
N SER E 19 -25.01 24.37 8.52
CA SER E 19 -24.35 25.41 9.30
C SER E 19 -23.12 25.95 8.56
N GLY E 20 -22.97 25.57 7.30
CA GLY E 20 -21.85 26.00 6.49
C GLY E 20 -21.93 27.43 6.01
N MET E 21 -21.39 27.66 4.81
CA MET E 21 -21.36 28.99 4.22
C MET E 21 -22.75 29.53 3.90
N TYR E 22 -22.82 30.84 3.69
CA TYR E 22 -24.06 31.54 3.33
C TYR E 22 -24.05 31.79 1.84
N MET E 23 -25.17 31.60 1.17
CA MET E 23 -25.17 31.88 -0.24
C MET E 23 -25.34 33.38 -0.38
N GLY E 24 -24.31 34.16 -0.14
CA GLY E 24 -24.47 35.61 -0.27
C GLY E 24 -25.09 36.11 -1.57
N ASN E 25 -24.71 37.31 -2.00
CA ASN E 25 -25.24 37.84 -3.26
C ASN E 25 -24.29 38.93 -3.78
N ALA E 26 -24.45 39.29 -5.05
CA ALA E 26 -23.61 40.29 -5.69
C ALA E 26 -23.62 41.64 -5.00
N SER E 27 -24.70 41.91 -4.28
CA SER E 27 -24.85 43.19 -3.60
C SER E 27 -23.92 43.38 -2.41
N ILE E 28 -23.81 42.37 -1.54
CA ILE E 28 -22.92 42.49 -0.38
C ILE E 28 -21.58 43.01 -0.86
N ILE E 29 -21.19 44.20 -0.41
CA ILE E 29 -19.93 44.78 -0.88
C ILE E 29 -18.65 44.19 -0.36
N PRO E 30 -17.98 44.82 0.64
CA PRO E 30 -16.73 44.13 1.02
C PRO E 30 -16.99 42.63 0.93
N ARG E 31 -16.44 42.01 -0.12
CA ARG E 31 -16.66 40.60 -0.32
C ARG E 31 -16.13 39.85 0.87
N ASN E 32 -16.63 38.64 1.04
CA ASN E 32 -16.11 37.82 2.11
C ASN E 32 -16.15 36.41 1.58
N TYR E 33 -15.02 36.06 0.95
CA TYR E 33 -14.87 34.79 0.29
C TYR E 33 -15.04 33.55 1.13
N ARG E 34 -14.80 33.70 2.42
CA ARG E 34 -14.95 32.54 3.29
C ARG E 34 -16.36 32.37 3.88
N LYS E 35 -17.11 33.48 3.92
CA LYS E 35 -18.46 33.48 4.46
C LYS E 35 -19.56 33.23 3.42
N TYR E 36 -19.44 33.88 2.26
CA TYR E 36 -20.45 33.71 1.25
C TYR E 36 -20.04 32.86 0.06
N LEU E 37 -20.79 31.78 -0.12
CA LEU E 37 -20.55 30.86 -1.21
C LEU E 37 -20.48 31.56 -2.56
N TYR E 38 -21.41 32.45 -2.83
CA TYR E 38 -21.36 33.10 -4.12
C TYR E 38 -20.08 33.94 -4.26
N HIS E 39 -19.64 34.52 -3.15
CA HIS E 39 -18.43 35.33 -3.13
C HIS E 39 -17.26 34.43 -3.48
N ALA E 40 -17.22 33.28 -2.81
CA ALA E 40 -16.17 32.30 -3.04
C ALA E 40 -16.17 31.97 -4.54
N TYR E 41 -17.35 31.70 -5.08
CA TYR E 41 -17.44 31.39 -6.50
C TYR E 41 -16.81 32.49 -7.37
N LEU E 42 -17.18 33.75 -7.15
CA LEU E 42 -16.61 34.86 -7.92
C LEU E 42 -15.07 34.78 -7.86
N ALA E 43 -14.55 34.60 -6.64
CA ALA E 43 -13.11 34.51 -6.40
C ALA E 43 -12.45 33.45 -7.28
N TYR E 44 -13.03 32.25 -7.31
CA TYR E 44 -12.50 31.18 -8.12
C TYR E 44 -12.51 31.52 -9.59
N MET E 45 -13.69 31.78 -10.14
CA MET E 45 -13.80 32.14 -11.55
C MET E 45 -12.76 33.22 -11.94
N GLU E 46 -12.67 34.31 -11.18
CA GLU E 46 -11.67 35.30 -11.53
C GLU E 46 -10.25 34.79 -11.37
N ALA E 47 -10.02 33.97 -10.35
CA ALA E 47 -8.71 33.38 -10.14
C ALA E 47 -8.36 32.52 -11.37
N ASN E 48 -9.38 32.02 -12.08
CA ASN E 48 -9.12 31.20 -13.25
C ASN E 48 -9.35 31.88 -14.59
N GLY E 49 -9.38 33.20 -14.57
CA GLY E 49 -9.53 33.95 -15.79
C GLY E 49 -10.85 33.97 -16.50
N TYR E 50 -11.95 33.91 -15.74
CA TYR E 50 -13.26 33.98 -16.38
C TYR E 50 -13.93 35.30 -15.99
N ARG E 51 -14.29 36.07 -17.01
CA ARG E 51 -14.92 37.37 -16.80
C ARG E 51 -16.43 37.19 -16.73
N ASN E 52 -16.91 36.17 -17.43
CA ASN E 52 -18.34 35.88 -17.45
C ASN E 52 -18.70 34.82 -16.41
N VAL E 53 -19.44 35.25 -15.40
CA VAL E 53 -19.85 34.38 -14.30
C VAL E 53 -21.37 34.18 -14.19
N LEU E 54 -21.80 33.02 -13.71
CA LEU E 54 -23.22 32.74 -13.53
C LEU E 54 -23.78 33.73 -12.52
N SER E 55 -25.02 34.15 -12.76
CA SER E 55 -25.75 35.07 -11.89
C SER E 55 -26.06 34.29 -10.62
N LEU E 56 -26.38 34.99 -9.53
CA LEU E 56 -26.69 34.31 -8.30
C LEU E 56 -27.84 33.37 -8.57
N LYS E 57 -28.85 33.85 -9.32
CA LYS E 57 -30.01 33.05 -9.67
C LYS E 57 -29.62 31.78 -10.38
N MET E 58 -28.84 31.91 -11.45
CA MET E 58 -28.42 30.74 -12.19
C MET E 58 -27.50 29.85 -11.34
N PHE E 59 -26.57 30.48 -10.64
CA PHE E 59 -25.66 29.74 -9.79
C PHE E 59 -26.46 28.92 -8.81
N GLY E 60 -27.42 29.56 -8.17
CA GLY E 60 -28.27 28.88 -7.19
C GLY E 60 -28.93 27.64 -7.75
N LEU E 61 -29.52 27.77 -8.94
CA LEU E 61 -30.17 26.66 -9.63
C LEU E 61 -29.23 25.49 -9.85
N GLY E 62 -28.07 25.79 -10.43
CA GLY E 62 -27.10 24.77 -10.73
C GLY E 62 -26.53 24.06 -9.52
N LEU E 63 -26.23 24.83 -8.48
CA LEU E 63 -25.65 24.29 -7.27
C LEU E 63 -26.11 22.88 -6.87
N PRO E 64 -27.37 22.72 -6.45
CA PRO E 64 -27.79 21.37 -6.06
C PRO E 64 -27.59 20.26 -7.12
N VAL E 65 -27.66 20.63 -8.40
CA VAL E 65 -27.47 19.68 -9.49
C VAL E 65 -26.02 19.20 -9.52
N MET E 66 -25.08 20.15 -9.68
CA MET E 66 -23.66 19.81 -9.73
C MET E 66 -23.19 19.11 -8.46
N LEU E 67 -23.71 19.50 -7.30
CA LEU E 67 -23.30 18.80 -6.09
C LEU E 67 -23.71 17.34 -6.15
N LYS E 68 -24.92 17.09 -6.63
CA LYS E 68 -25.37 15.71 -6.72
C LYS E 68 -24.46 14.97 -7.70
N GLU E 69 -23.97 15.69 -8.71
CA GLU E 69 -23.08 15.09 -9.69
C GLU E 69 -21.78 14.64 -9.01
N TYR E 70 -21.38 15.35 -7.95
CA TYR E 70 -20.20 14.94 -7.20
C TYR E 70 -20.61 14.00 -6.08
N GLY E 71 -21.89 13.63 -6.02
CA GLY E 71 -22.39 12.73 -4.99
C GLY E 71 -22.58 13.35 -3.63
N LEU E 72 -22.90 14.63 -3.58
CA LEU E 72 -23.10 15.29 -2.30
C LEU E 72 -24.54 15.74 -2.16
N ASN E 73 -24.99 15.91 -0.93
CA ASN E 73 -26.36 16.34 -0.71
C ASN E 73 -26.49 17.78 -0.20
N TYR E 74 -26.95 18.64 -1.09
CA TYR E 74 -27.15 20.04 -0.80
C TYR E 74 -28.24 20.28 0.26
N GLU E 75 -27.99 21.21 1.18
CA GLU E 75 -28.93 21.54 2.26
C GLU E 75 -28.93 23.04 2.53
N LYS E 76 -30.06 23.69 2.31
CA LYS E 76 -30.16 25.11 2.56
C LYS E 76 -31.05 25.35 3.76
N ARG E 77 -31.14 26.61 4.17
CA ARG E 77 -31.91 26.96 5.34
C ARG E 77 -32.05 28.49 5.47
N HIS E 78 -33.28 29.01 5.46
CA HIS E 78 -33.52 30.45 5.56
C HIS E 78 -33.28 30.94 6.99
N THR E 79 -32.58 32.07 7.10
CA THR E 79 -32.25 32.66 8.39
C THR E 79 -32.09 34.17 8.24
N LYS E 80 -31.84 34.84 9.36
CA LYS E 80 -31.67 36.30 9.40
C LYS E 80 -30.55 36.74 8.45
N GLN E 81 -29.41 36.04 8.53
CA GLN E 81 -28.24 36.34 7.68
C GLN E 81 -28.52 36.01 6.23
N GLY E 82 -29.57 35.24 6.01
CA GLY E 82 -29.91 34.88 4.65
C GLY E 82 -29.89 33.38 4.64
N ILE E 83 -29.94 32.81 3.44
CA ILE E 83 -29.90 31.37 3.27
C ILE E 83 -28.52 30.82 3.66
N GLN E 84 -28.51 29.86 4.56
CA GLN E 84 -27.27 29.26 5.01
C GLN E 84 -27.25 27.83 4.51
N THR E 85 -26.08 27.43 4.02
CA THR E 85 -25.83 26.12 3.41
C THR E 85 -25.19 25.15 4.37
N ASN E 86 -24.99 23.93 3.91
CA ASN E 86 -24.32 22.90 4.71
C ASN E 86 -23.00 22.64 3.98
N LEU E 87 -22.42 23.69 3.40
CA LEU E 87 -21.18 23.56 2.64
C LEU E 87 -19.98 24.35 3.17
N THR E 88 -18.78 23.79 2.98
CA THR E 88 -17.52 24.44 3.33
C THR E 88 -16.49 24.15 2.26
N LEU E 89 -15.50 25.03 2.21
CA LEU E 89 -14.39 24.94 1.26
C LEU E 89 -13.43 23.85 1.70
N LYS E 90 -13.05 22.99 0.76
CA LYS E 90 -12.07 21.94 1.03
C LYS E 90 -10.75 22.67 1.30
N GLU E 91 -9.79 21.97 1.88
CA GLU E 91 -8.54 22.62 2.20
C GLU E 91 -7.70 23.06 1.00
N GLU E 92 -7.76 22.30 -0.09
CA GLU E 92 -7.01 22.65 -1.29
C GLU E 92 -7.41 24.06 -1.81
N SER E 93 -8.60 24.51 -1.45
CA SER E 93 -9.09 25.82 -1.87
C SER E 93 -8.10 26.90 -1.41
N TYR E 94 -7.67 26.79 -0.15
CA TYR E 94 -6.76 27.75 0.45
C TYR E 94 -5.51 28.05 -0.31
N GLY E 95 -4.85 27.01 -0.82
CA GLY E 95 -3.64 27.23 -1.57
C GLY E 95 -3.89 27.52 -3.04
N ASP E 96 -4.92 26.92 -3.60
CA ASP E 96 -5.22 27.10 -5.01
C ASP E 96 -5.71 28.45 -5.47
N TRP E 97 -6.86 28.88 -4.95
CA TRP E 97 -7.46 30.14 -5.41
C TRP E 97 -7.96 31.14 -4.38
N LEU E 98 -8.33 30.66 -3.19
CA LEU E 98 -8.84 31.52 -2.14
C LEU E 98 -7.89 32.67 -1.88
N PRO E 99 -8.36 33.92 -2.06
CA PRO E 99 -7.50 35.07 -1.82
C PRO E 99 -6.86 35.09 -0.43
N LYS E 100 -5.64 35.61 -0.35
CA LYS E 100 -4.99 35.66 0.92
C LYS E 100 -5.05 37.05 1.52
N ASP F 1 -13.92 15.28 -11.38
CA ASP F 1 -14.90 14.43 -12.12
C ASP F 1 -15.04 14.87 -13.59
N ALA F 2 -15.86 14.12 -14.33
CA ALA F 2 -16.13 14.33 -15.76
C ALA F 2 -17.25 15.32 -16.12
N ASP F 3 -18.25 15.44 -15.25
CA ASP F 3 -19.43 16.30 -15.48
C ASP F 3 -20.15 15.87 -16.75
N PRO F 4 -20.58 14.59 -16.79
CA PRO F 4 -21.27 13.97 -17.91
C PRO F 4 -22.54 14.69 -18.34
N THR F 5 -23.36 15.07 -17.37
CA THR F 5 -24.59 15.74 -17.76
C THR F 5 -24.26 16.97 -18.58
N PHE F 6 -23.20 17.70 -18.22
CA PHE F 6 -22.83 18.89 -18.99
C PHE F 6 -22.42 18.51 -20.41
N ASP F 7 -21.65 17.43 -20.56
CA ASP F 7 -21.19 16.98 -21.87
C ASP F 7 -22.37 16.65 -22.76
N PHE F 8 -23.37 15.95 -22.17
CA PHE F 8 -24.60 15.57 -22.88
C PHE F 8 -25.28 16.81 -23.43
N ILE F 9 -25.39 17.85 -22.62
CA ILE F 9 -26.02 19.08 -23.07
C ILE F 9 -25.22 19.69 -24.23
N GLY F 10 -24.02 19.17 -24.45
CA GLY F 10 -23.19 19.64 -25.54
C GLY F 10 -23.73 19.16 -26.87
N TYR F 11 -24.51 18.08 -26.83
CA TYR F 11 -25.10 17.49 -28.02
C TYR F 11 -26.47 18.08 -28.35
N LEU F 12 -26.81 19.21 -27.70
CA LEU F 12 -28.11 19.82 -27.94
C LEU F 12 -28.09 21.14 -28.67
N GLU F 13 -29.12 21.34 -29.49
CA GLU F 13 -29.27 22.59 -30.22
C GLU F 13 -30.69 23.15 -29.99
N THR F 14 -30.79 24.46 -30.09
CA THR F 14 -32.03 25.20 -29.88
C THR F 14 -32.81 25.41 -31.18
N LEU F 15 -34.15 25.43 -31.09
CA LEU F 15 -35.02 25.66 -32.24
C LEU F 15 -35.65 27.04 -32.18
N PRO F 16 -36.06 27.58 -33.34
CA PRO F 16 -36.69 28.90 -33.45
C PRO F 16 -37.92 29.04 -32.56
N GLN F 17 -38.48 27.90 -32.15
CA GLN F 17 -39.66 27.87 -31.31
C GLN F 17 -39.84 26.54 -30.57
N THR F 18 -40.44 26.60 -29.39
CA THR F 18 -40.66 25.41 -28.57
C THR F 18 -41.44 24.30 -29.27
N SER F 19 -40.81 23.64 -30.24
CA SER F 19 -41.45 22.55 -30.97
C SER F 19 -40.55 21.33 -31.01
N GLY F 20 -39.49 21.35 -30.20
CA GLY F 20 -38.53 20.26 -30.16
C GLY F 20 -38.87 19.07 -29.29
N MET F 21 -37.86 18.52 -28.64
CA MET F 21 -38.08 17.34 -27.81
C MET F 21 -38.98 17.62 -26.60
N TYR F 22 -39.52 16.56 -26.04
CA TYR F 22 -40.35 16.63 -24.86
C TYR F 22 -39.51 16.16 -23.69
N MET F 23 -39.64 16.83 -22.56
CA MET F 23 -38.90 16.41 -21.37
C MET F 23 -39.62 15.21 -20.77
N GLY F 24 -39.50 14.03 -21.36
CA GLY F 24 -40.21 12.88 -20.81
C GLY F 24 -40.03 12.66 -19.32
N ASN F 25 -40.06 11.41 -18.92
CA ASN F 25 -39.86 11.08 -17.51
C ASN F 25 -39.50 9.59 -17.40
N ALA F 26 -38.97 9.21 -16.24
CA ALA F 26 -38.58 7.83 -15.99
C ALA F 26 -39.70 6.82 -16.20
N SER F 27 -40.94 7.26 -16.00
CA SER F 27 -42.07 6.36 -16.13
C SER F 27 -42.36 5.87 -17.54
N ILE F 28 -42.36 6.77 -18.52
CA ILE F 28 -42.64 6.34 -19.90
C ILE F 28 -41.80 5.14 -20.22
N ILE F 29 -42.42 3.96 -20.37
CA ILE F 29 -41.59 2.80 -20.61
C ILE F 29 -40.95 2.65 -21.96
N PRO F 30 -41.55 1.92 -22.93
CA PRO F 30 -40.77 1.87 -24.19
C PRO F 30 -40.08 3.21 -24.35
N ARG F 31 -38.77 3.25 -24.08
CA ARG F 31 -38.05 4.50 -24.17
C ARG F 31 -38.09 5.01 -25.57
N ASN F 32 -37.96 6.31 -25.68
CA ASN F 32 -37.93 6.89 -27.00
C ASN F 32 -36.91 8.02 -26.95
N TYR F 33 -35.67 7.63 -27.25
CA TYR F 33 -34.51 8.52 -27.22
C TYR F 33 -34.57 9.74 -28.10
N ARG F 34 -35.28 9.63 -29.21
CA ARG F 34 -35.39 10.78 -30.11
C ARG F 34 -36.53 11.77 -29.70
N LYS F 35 -37.52 11.28 -28.96
CA LYS F 35 -38.65 12.11 -28.57
C LYS F 35 -38.52 12.72 -27.18
N TYR F 36 -38.05 11.97 -26.20
CA TYR F 36 -37.92 12.52 -24.86
C TYR F 36 -36.49 12.85 -24.46
N LEU F 37 -36.31 14.10 -24.11
CA LEU F 37 -35.03 14.62 -23.70
C LEU F 37 -34.45 13.81 -22.54
N TYR F 38 -35.24 13.52 -21.53
CA TYR F 38 -34.67 12.76 -20.42
C TYR F 38 -34.25 11.35 -20.88
N HIS F 39 -35.00 10.78 -21.81
CA HIS F 39 -34.69 9.45 -22.33
C HIS F 39 -33.35 9.53 -23.05
N ALA F 40 -33.20 10.54 -23.89
CA ALA F 40 -31.97 10.74 -24.62
C ALA F 40 -30.87 10.82 -23.57
N TYR F 41 -31.12 11.58 -22.51
CA TYR F 41 -30.13 11.73 -21.44
C TYR F 41 -29.68 10.37 -20.90
N LEU F 42 -30.64 9.54 -20.50
CA LEU F 42 -30.31 8.21 -19.98
C LEU F 42 -29.44 7.45 -20.97
N ALA F 43 -29.84 7.45 -22.24
CA ALA F 43 -29.09 6.75 -23.26
C ALA F 43 -27.62 7.19 -23.28
N TYR F 44 -27.37 8.50 -23.23
CA TYR F 44 -26.02 9.03 -23.23
C TYR F 44 -25.25 8.53 -22.04
N MET F 45 -25.73 8.86 -20.84
CA MET F 45 -25.08 8.41 -19.61
C MET F 45 -24.68 6.94 -19.70
N GLU F 46 -25.64 6.09 -20.02
CA GLU F 46 -25.30 4.69 -20.06
C GLU F 46 -24.32 4.38 -21.18
N ALA F 47 -24.45 5.05 -22.33
CA ALA F 47 -23.51 4.84 -23.43
C ALA F 47 -22.09 5.22 -22.96
N ASN F 48 -21.99 6.07 -21.94
CA ASN F 48 -20.68 6.46 -21.43
C ASN F 48 -20.32 5.84 -20.11
N GLY F 49 -20.98 4.74 -19.77
CA GLY F 49 -20.66 4.05 -18.55
C GLY F 49 -20.99 4.66 -17.20
N TYR F 50 -22.09 5.40 -17.12
CA TYR F 50 -22.47 5.98 -15.84
C TYR F 50 -23.75 5.30 -15.39
N ARG F 51 -23.70 4.76 -14.18
CA ARG F 51 -24.83 4.04 -13.58
C ARG F 51 -25.65 5.03 -12.74
N ASN F 52 -24.96 6.10 -12.36
CA ASN F 52 -25.44 7.20 -11.54
C ASN F 52 -26.03 8.35 -12.39
N VAL F 53 -27.35 8.41 -12.56
CA VAL F 53 -27.90 9.50 -13.36
C VAL F 53 -28.77 10.48 -12.57
N LEU F 54 -28.80 11.74 -13.02
CA LEU F 54 -29.59 12.75 -12.35
C LEU F 54 -31.06 12.40 -12.51
N SER F 55 -31.84 12.67 -11.47
CA SER F 55 -33.27 12.40 -11.50
C SER F 55 -33.89 13.39 -12.44
N LEU F 56 -35.14 13.13 -12.84
CA LEU F 56 -35.83 14.04 -13.73
C LEU F 56 -35.82 15.42 -13.09
N LYS F 57 -36.18 15.47 -11.79
CA LYS F 57 -36.22 16.73 -11.07
C LYS F 57 -34.88 17.47 -11.15
N MET F 58 -33.81 16.79 -10.76
CA MET F 58 -32.47 17.37 -10.79
C MET F 58 -32.07 17.79 -12.21
N PHE F 59 -32.23 16.85 -13.13
CA PHE F 59 -31.92 17.09 -14.51
C PHE F 59 -32.62 18.35 -14.98
N GLY F 60 -33.92 18.41 -14.70
CA GLY F 60 -34.69 19.55 -15.11
C GLY F 60 -34.14 20.88 -14.59
N LEU F 61 -33.77 20.97 -13.31
CA LEU F 61 -33.28 22.26 -12.84
C LEU F 61 -31.93 22.61 -13.42
N GLY F 62 -31.09 21.60 -13.67
CA GLY F 62 -29.79 21.88 -14.25
C GLY F 62 -29.87 22.34 -15.70
N LEU F 63 -30.75 21.68 -16.46
CA LEU F 63 -30.92 21.98 -17.87
C LEU F 63 -30.77 23.46 -18.26
N PRO F 64 -31.66 24.34 -17.78
CA PRO F 64 -31.56 25.76 -18.13
C PRO F 64 -30.18 26.37 -17.86
N VAL F 65 -29.57 26.01 -16.73
CA VAL F 65 -28.27 26.54 -16.38
C VAL F 65 -27.15 26.14 -17.34
N MET F 66 -26.99 24.82 -17.54
CA MET F 66 -25.95 24.35 -18.43
C MET F 66 -26.18 24.82 -19.85
N LEU F 67 -27.42 24.95 -20.27
CA LEU F 67 -27.67 25.45 -21.63
C LEU F 67 -27.10 26.86 -21.72
N LYS F 68 -27.36 27.67 -20.70
CA LYS F 68 -26.87 29.05 -20.70
C LYS F 68 -25.35 29.01 -20.76
N GLU F 69 -24.75 28.04 -20.07
CA GLU F 69 -23.30 27.90 -20.08
C GLU F 69 -22.83 27.68 -21.51
N TYR F 70 -23.64 27.03 -22.32
CA TYR F 70 -23.29 26.81 -23.71
C TYR F 70 -23.77 27.95 -24.56
N GLY F 71 -24.34 28.97 -23.91
CA GLY F 71 -24.82 30.13 -24.64
C GLY F 71 -26.11 29.91 -25.41
N LEU F 72 -26.95 29.02 -24.90
CA LEU F 72 -28.22 28.75 -25.55
C LEU F 72 -29.39 29.17 -24.67
N ASN F 73 -30.53 29.44 -25.30
CA ASN F 73 -31.75 29.87 -24.59
C ASN F 73 -32.80 28.80 -24.46
N TYR F 74 -32.91 28.24 -23.26
CA TYR F 74 -33.91 27.20 -23.01
C TYR F 74 -35.32 27.74 -23.11
N GLU F 75 -36.23 26.95 -23.68
CA GLU F 75 -37.62 27.35 -23.81
C GLU F 75 -38.52 26.13 -23.63
N LYS F 76 -39.37 26.17 -22.61
CA LYS F 76 -40.31 25.07 -22.38
C LYS F 76 -41.72 25.56 -22.67
N ARG F 77 -42.68 24.67 -22.58
CA ARG F 77 -44.07 25.01 -22.85
C ARG F 77 -44.92 23.80 -22.52
N HIS F 78 -45.96 24.03 -21.73
CA HIS F 78 -46.85 22.95 -21.33
C HIS F 78 -47.82 22.54 -22.44
N THR F 79 -48.05 21.24 -22.56
CA THR F 79 -48.93 20.73 -23.61
C THR F 79 -49.61 19.43 -23.23
N LYS F 80 -50.60 19.04 -24.04
CA LYS F 80 -51.38 17.82 -23.86
C LYS F 80 -50.38 16.66 -23.78
N GLN F 81 -49.42 16.69 -24.70
CA GLN F 81 -48.37 15.67 -24.82
C GLN F 81 -47.26 15.78 -23.78
N GLY F 82 -47.29 16.83 -22.96
CA GLY F 82 -46.28 17.00 -21.93
C GLY F 82 -45.49 18.26 -22.16
N ILE F 83 -44.58 18.57 -21.24
CA ILE F 83 -43.72 19.75 -21.41
C ILE F 83 -42.84 19.55 -22.64
N GLN F 84 -42.96 20.46 -23.59
CA GLN F 84 -42.16 20.35 -24.81
C GLN F 84 -41.15 21.48 -24.85
N THR F 85 -39.93 21.14 -25.26
CA THR F 85 -38.84 22.10 -25.31
C THR F 85 -38.59 22.62 -26.71
N ASN F 86 -37.56 23.45 -26.84
CA ASN F 86 -37.17 24.02 -28.13
C ASN F 86 -35.80 23.44 -28.43
N LEU F 87 -35.59 22.19 -28.02
CA LEU F 87 -34.31 21.52 -28.20
C LEU F 87 -34.32 20.29 -29.09
N THR F 88 -33.21 20.08 -29.81
CA THR F 88 -33.04 18.92 -30.69
C THR F 88 -31.62 18.41 -30.58
N LEU F 89 -31.44 17.15 -30.90
CA LEU F 89 -30.14 16.50 -30.87
C LEU F 89 -29.29 16.92 -32.08
N LYS F 90 -28.04 17.32 -31.85
CA LYS F 90 -27.17 17.69 -32.97
C LYS F 90 -26.88 16.39 -33.73
N GLU F 91 -26.35 16.48 -34.95
CA GLU F 91 -26.10 15.27 -35.73
C GLU F 91 -25.07 14.32 -35.12
N GLU F 92 -24.01 14.88 -34.56
CA GLU F 92 -22.96 14.08 -33.94
C GLU F 92 -23.55 13.05 -32.97
N SER F 93 -24.70 13.38 -32.43
CA SER F 93 -25.34 12.47 -31.49
C SER F 93 -25.58 11.13 -32.14
N TYR F 94 -26.10 11.16 -33.36
CA TYR F 94 -26.43 9.96 -34.10
C TYR F 94 -25.33 8.92 -34.18
N GLY F 95 -24.11 9.36 -34.48
CA GLY F 95 -23.01 8.43 -34.59
C GLY F 95 -22.34 8.11 -33.26
N ASP F 96 -22.30 9.09 -32.37
CA ASP F 96 -21.66 8.93 -31.08
C ASP F 96 -22.33 7.99 -30.10
N TRP F 97 -23.57 8.28 -29.69
CA TRP F 97 -24.22 7.46 -28.66
C TRP F 97 -25.68 7.06 -28.87
N LEU F 98 -26.43 7.84 -29.64
CA LEU F 98 -27.83 7.52 -29.89
C LEU F 98 -27.99 6.06 -30.34
N PRO F 99 -28.80 5.27 -29.61
CA PRO F 99 -28.97 3.87 -30.02
C PRO F 99 -29.42 3.74 -31.47
N LYS F 100 -28.95 2.72 -32.16
CA LYS F 100 -29.34 2.49 -33.54
C LYS F 100 -30.45 1.44 -33.61
#